data_3FC2
#
_entry.id   3FC2
#
_cell.length_a   66.616
_cell.length_b   66.616
_cell.length_c   153.969
_cell.angle_alpha   90.000
_cell.angle_beta   90.000
_cell.angle_gamma   120.000
#
_symmetry.space_group_name_H-M   'P 32 2 1'
#
loop_
_entity.id
_entity.type
_entity.pdbx_description
1 polymer 'Serine/threonine-protein kinase PLK1'
2 non-polymer N-{trans-4-[4-(cyclopropylmethyl)piperazin-1-yl]cyclohexyl}-4-{[(7R)-7-ethyl-5-methyl-8-(1-methylethyl)-6-oxo-5,6,7,8-tetrahydropteridin-2-yl]amino}-3-methoxybenzamide
3 non-polymer 1,2-ETHANEDIOL
4 non-polymer 'ACETATE ION'
5 non-polymer DI(HYDROXYETHYL)ETHER
6 non-polymer 'ZINC ION'
7 non-polymer GLYCEROL
8 water water
#
_entity_poly.entity_id   1
_entity_poly.type   'polypeptide(L)'
_entity_poly.pdbx_seq_one_letter_code
;GPAPADPGKAGVPGVAAPGAPAAAPPAKEIPEVLVDPRSRRRYVRGRFLGKGGFAKCFEISDADTKEVFAGKIVPKSLLL
KPHQREKMSMEISIHRSLAHQHVVGFHGFFEDNDFVFVVLELCRRRSLLELHKRRKALTEPEARYYLRQIVLGCQYLHRN
RVIHRDLKLGNLFLNEDLEVKIGDFGLATKVEYDGERKKVLCGTPNYIAPEVLSKKGHSFEVDVWSIGCIMYTLLVGKPP
FETSCLKETYLRIKKNEYSIPKHINPVAASLIQKMLQTDPTARPTINELLNDEFFTSGYIPARLPITCLTIPPRFSIAPS
SLDPSNRKPLTVLNK
;
_entity_poly.pdbx_strand_id   A
#
loop_
_chem_comp.id
_chem_comp.type
_chem_comp.name
_chem_comp.formula
ACT non-polymer 'ACETATE ION' 'C2 H3 O2 -1'
EDO non-polymer 1,2-ETHANEDIOL 'C2 H6 O2'
GOL non-polymer GLYCEROL 'C3 H8 O3'
IBI non-polymer N-{trans-4-[4-(cyclopropylmethyl)piperazin-1-yl]cyclohexyl}-4-{[(7R)-7-ethyl-5-methyl-8-(1-methylethyl)-6-oxo-5,6,7,8-tetrahydropteridin-2-yl]amino}-3-methoxybenzamide 'C34 H50 N8 O3'
PEG non-polymer DI(HYDROXYETHYL)ETHER 'C4 H10 O3'
ZN non-polymer 'ZINC ION' 'Zn 2'
#
# COMPACT_ATOMS: atom_id res chain seq x y z
N ALA A 27 -13.82 29.79 -3.27
CA ALA A 27 -13.14 28.52 -3.67
C ALA A 27 -12.38 28.68 -4.97
N LYS A 28 -11.75 27.59 -5.42
CA LYS A 28 -11.10 27.52 -6.74
C LYS A 28 -11.56 26.23 -7.43
N GLU A 29 -12.14 26.35 -8.61
CA GLU A 29 -12.81 25.22 -9.27
C GLU A 29 -11.82 24.38 -10.09
N ILE A 30 -11.98 23.06 -10.03
CA ILE A 30 -11.13 22.14 -10.79
C ILE A 30 -11.66 22.00 -12.22
N PRO A 31 -10.78 22.16 -13.24
CA PRO A 31 -11.21 22.12 -14.64
C PRO A 31 -11.79 20.77 -15.11
N GLU A 32 -12.73 20.83 -16.04
CA GLU A 32 -13.42 19.64 -16.58
C GLU A 32 -12.55 18.87 -17.56
N VAL A 33 -11.57 19.55 -18.16
CA VAL A 33 -10.60 18.93 -19.07
C VAL A 33 -9.20 19.35 -18.67
N LEU A 34 -8.30 18.37 -18.58
CA LEU A 34 -6.96 18.57 -18.08
C LEU A 34 -5.96 18.43 -19.24
N VAL A 35 -5.20 19.48 -19.53
CA VAL A 35 -4.26 19.41 -20.65
C VAL A 35 -2.78 19.41 -20.20
N ASP A 36 -2.03 18.43 -20.71
CA ASP A 36 -0.59 18.37 -20.49
C ASP A 36 0.11 18.94 -21.73
N PRO A 37 0.69 20.14 -21.61
CA PRO A 37 1.29 20.80 -22.79
C PRO A 37 2.53 20.11 -23.37
N ARG A 38 3.27 19.35 -22.58
CA ARG A 38 4.48 18.65 -23.04
C ARG A 38 4.11 17.43 -23.86
N SER A 39 3.30 16.56 -23.27
CA SER A 39 2.82 15.38 -23.96
C SER A 39 1.70 15.68 -24.97
N ARG A 40 1.12 16.87 -24.88
CA ARG A 40 0.04 17.33 -25.77
C ARG A 40 -1.28 16.62 -25.51
N ARG A 41 -1.43 16.09 -24.29
CA ARG A 41 -2.50 15.14 -23.97
C ARG A 41 -3.62 15.80 -23.19
N ARG A 42 -4.85 15.38 -23.49
CA ARG A 42 -6.04 15.91 -22.86
C ARG A 42 -6.80 14.79 -22.16
N TYR A 43 -7.24 15.05 -20.93
CA TYR A 43 -7.99 14.08 -20.14
C TYR A 43 -9.32 14.70 -19.71
N VAL A 44 -10.41 14.06 -20.10
CA VAL A 44 -11.73 14.46 -19.64
C VAL A 44 -11.92 13.93 -18.23
N ARG A 45 -12.36 14.81 -17.34
CA ARG A 45 -12.57 14.48 -15.94
C ARG A 45 -13.89 13.75 -15.76
N GLY A 46 -13.83 12.49 -15.34
CA GLY A 46 -15.02 11.67 -15.08
C GLY A 46 -15.47 11.74 -13.64
N ARG A 47 -15.94 10.61 -13.12
CA ARG A 47 -16.59 10.56 -11.81
C ARG A 47 -15.63 10.58 -10.62
N PHE A 48 -16.14 11.10 -9.50
CA PHE A 48 -15.38 11.29 -8.27
C PHE A 48 -15.11 9.98 -7.57
N LEU A 49 -13.84 9.74 -7.25
CA LEU A 49 -13.39 8.49 -6.61
C LEU A 49 -13.20 8.61 -5.09
N GLY A 50 -12.93 9.81 -4.59
CA GLY A 50 -12.68 10.00 -3.17
C GLY A 50 -11.64 11.05 -2.95
N LYS A 51 -11.43 11.42 -1.68
CA LYS A 51 -10.46 12.43 -1.30
C LYS A 51 -9.82 12.12 0.04
N GLY A 52 -8.55 12.49 0.17
CA GLY A 52 -7.80 12.22 1.39
C GLY A 52 -6.47 12.95 1.38
N GLY A 53 -6.06 13.45 2.55
CA GLY A 53 -4.90 14.29 2.66
C GLY A 53 -5.22 15.61 1.99
N PHE A 54 -4.54 15.91 0.91
CA PHE A 54 -4.71 17.18 0.21
C PHE A 54 -5.41 17.01 -1.15
N ALA A 55 -5.82 15.78 -1.48
CA ALA A 55 -6.17 15.48 -2.87
C ALA A 55 -7.62 15.09 -3.05
N LYS A 56 -8.19 15.51 -4.17
CA LYS A 56 -9.47 15.01 -4.67
C LYS A 56 -9.15 14.13 -5.88
N CYS A 57 -9.87 13.01 -6.02
CA CYS A 57 -9.56 12.00 -7.05
C CYS A 57 -10.75 11.65 -7.94
N PHE A 58 -10.47 11.47 -9.23
CA PHE A 58 -11.51 11.25 -10.24
C PHE A 58 -11.02 10.28 -11.28
N GLU A 59 -11.95 9.55 -11.90
CA GLU A 59 -11.66 8.83 -13.12
C GLU A 59 -11.40 9.88 -14.19
N ILE A 60 -10.36 9.69 -14.99
CA ILE A 60 -10.08 10.61 -16.08
C ILE A 60 -9.74 9.82 -17.34
N SER A 61 -10.39 10.16 -18.44
CA SER A 61 -10.20 9.44 -19.68
C SER A 61 -9.45 10.31 -20.66
N ASP A 62 -8.47 9.73 -21.32
CA ASP A 62 -7.71 10.41 -22.37
C ASP A 62 -8.63 10.63 -23.56
N ALA A 63 -8.99 11.89 -23.80
CA ALA A 63 -9.99 12.25 -24.82
C ALA A 63 -9.73 11.64 -26.19
N ASP A 64 -8.45 11.39 -26.48
CA ASP A 64 -8.01 10.83 -27.74
C ASP A 64 -8.04 9.29 -27.69
N THR A 65 -7.25 8.73 -26.78
CA THR A 65 -7.09 7.28 -26.71
C THR A 65 -8.28 6.60 -26.02
N LYS A 66 -9.03 7.37 -25.22
CA LYS A 66 -10.25 6.92 -24.54
C LYS A 66 -10.00 6.01 -23.34
N GLU A 67 -8.73 5.70 -23.08
CA GLU A 67 -8.37 4.82 -21.97
C GLU A 67 -8.43 5.61 -20.67
N VAL A 68 -8.82 4.90 -19.61
CA VAL A 68 -9.26 5.52 -18.37
C VAL A 68 -8.21 5.37 -17.29
N PHE A 69 -8.05 6.43 -16.50
CA PHE A 69 -7.04 6.50 -15.44
C PHE A 69 -7.65 6.99 -14.15
N ALA A 70 -6.90 6.82 -13.07
CA ALA A 70 -7.17 7.47 -11.80
C ALA A 70 -6.36 8.76 -11.73
N GLY A 71 -7.05 9.89 -11.61
CA GLY A 71 -6.41 11.19 -11.48
C GLY A 71 -6.40 11.69 -10.05
N LYS A 72 -5.23 12.06 -9.57
CA LYS A 72 -5.11 12.62 -8.23
C LYS A 72 -4.80 14.10 -8.42
N ILE A 73 -5.71 14.96 -7.95
CA ILE A 73 -5.64 16.38 -8.18
C ILE A 73 -5.49 17.09 -6.84
N VAL A 74 -4.41 17.86 -6.71
CA VAL A 74 -4.09 18.51 -5.43
C VAL A 74 -3.91 20.00 -5.69
N PRO A 75 -4.72 20.83 -5.02
CA PRO A 75 -4.64 22.27 -5.32
C PRO A 75 -3.42 22.91 -4.65
N LYS A 76 -2.76 23.78 -5.41
CA LYS A 76 -1.55 24.44 -4.97
C LYS A 76 -1.76 25.35 -3.77
N SER A 77 -3.00 25.76 -3.53
CA SER A 77 -3.38 26.53 -2.33
C SER A 77 -3.10 25.78 -1.01
N LEU A 78 -2.90 24.47 -1.09
CA LEU A 78 -2.55 23.65 0.08
C LEU A 78 -1.10 23.19 0.05
N LEU A 79 -0.35 23.71 -0.92
CA LEU A 79 1.06 23.44 -1.12
C LEU A 79 1.84 24.76 -0.99
N LEU A 80 1.45 25.61 -0.04
CA LEU A 80 2.07 26.92 0.12
C LEU A 80 3.45 26.85 0.80
N LYS A 81 3.68 25.80 1.59
CA LYS A 81 4.93 25.65 2.30
C LYS A 81 5.87 24.76 1.50
N PRO A 82 7.13 25.21 1.29
CA PRO A 82 8.17 24.38 0.65
C PRO A 82 8.26 22.92 1.13
N HIS A 83 8.10 22.68 2.42
CA HIS A 83 8.13 21.31 2.94
C HIS A 83 7.01 20.45 2.30
N GLN A 84 5.81 20.99 2.22
N GLN A 84 5.82 21.02 2.24
CA GLN A 84 4.69 20.25 1.63
CA GLN A 84 4.64 20.40 1.61
C GLN A 84 4.87 20.07 0.12
C GLN A 84 4.95 20.07 0.16
N ARG A 85 5.44 21.06 -0.57
CA ARG A 85 5.80 20.89 -1.99
C ARG A 85 6.88 19.82 -2.23
N GLU A 86 7.86 19.76 -1.33
CA GLU A 86 8.97 18.84 -1.46
C GLU A 86 8.52 17.41 -1.26
N LYS A 87 7.52 17.22 -0.40
CA LYS A 87 6.99 15.89 -0.15
C LYS A 87 6.28 15.37 -1.39
N MET A 88 5.48 16.25 -1.98
CA MET A 88 4.85 15.99 -3.26
C MET A 88 5.86 15.65 -4.36
N SER A 89 6.88 16.50 -4.54
CA SER A 89 7.93 16.26 -5.54
C SER A 89 8.61 14.90 -5.36
N MET A 90 8.85 14.52 -4.10
CA MET A 90 9.49 13.27 -3.77
C MET A 90 8.61 12.05 -4.10
N GLU A 91 7.37 12.10 -3.64
CA GLU A 91 6.38 11.09 -3.97
C GLU A 91 6.38 10.80 -5.47
N ILE A 92 6.26 11.87 -6.26
CA ILE A 92 6.27 11.77 -7.72
C ILE A 92 7.59 11.18 -8.25
N SER A 93 8.71 11.67 -7.72
CA SER A 93 10.03 11.23 -8.15
C SER A 93 10.24 9.73 -7.89
N ILE A 94 9.86 9.28 -6.72
CA ILE A 94 9.91 7.88 -6.38
C ILE A 94 8.97 7.07 -7.29
N HIS A 95 7.70 7.46 -7.34
CA HIS A 95 6.70 6.69 -8.07
C HIS A 95 6.93 6.65 -9.58
N ARG A 96 7.35 7.76 -10.17
CA ARG A 96 7.58 7.79 -11.62
C ARG A 96 8.66 6.83 -12.11
N SER A 97 9.59 6.50 -11.22
CA SER A 97 10.72 5.63 -11.58
C SER A 97 10.40 4.16 -11.36
N LEU A 98 9.17 3.85 -10.96
CA LEU A 98 8.77 2.47 -10.66
C LEU A 98 7.87 1.89 -11.76
N ALA A 99 8.14 0.63 -12.13
CA ALA A 99 7.30 -0.12 -13.06
C ALA A 99 7.39 -1.60 -12.69
N HIS A 100 6.30 -2.13 -12.15
CA HIS A 100 6.22 -3.51 -11.74
C HIS A 100 4.77 -4.01 -11.72
N GLN A 101 4.58 -5.31 -11.96
CA GLN A 101 3.26 -5.90 -12.04
C GLN A 101 2.41 -5.61 -10.81
N HIS A 102 3.03 -5.53 -9.64
CA HIS A 102 2.28 -5.32 -8.41
C HIS A 102 2.53 -3.97 -7.78
N VAL A 103 2.93 -3.00 -8.61
CA VAL A 103 2.99 -1.61 -8.22
C VAL A 103 2.04 -0.84 -9.11
N VAL A 104 1.39 0.17 -8.54
CA VAL A 104 0.48 1.03 -9.29
C VAL A 104 1.27 1.72 -10.41
N GLY A 105 0.81 1.55 -11.66
CA GLY A 105 1.42 2.18 -12.81
C GLY A 105 1.34 3.70 -12.70
N PHE A 106 2.46 4.36 -12.99
CA PHE A 106 2.54 5.80 -13.01
C PHE A 106 2.56 6.23 -14.48
N HIS A 107 1.54 6.97 -14.90
CA HIS A 107 1.39 7.31 -16.30
C HIS A 107 1.66 8.77 -16.63
N GLY A 108 1.93 9.60 -15.63
CA GLY A 108 2.32 10.99 -15.88
C GLY A 108 1.92 11.94 -14.77
N PHE A 109 2.37 13.18 -14.91
CA PHE A 109 1.94 14.25 -14.01
C PHE A 109 2.19 15.58 -14.70
N PHE A 110 1.47 16.59 -14.26
CA PHE A 110 1.62 17.91 -14.82
C PHE A 110 0.85 18.88 -13.95
N GLU A 111 0.88 20.14 -14.29
CA GLU A 111 0.33 21.14 -13.40
C GLU A 111 -0.06 22.36 -14.18
N ASP A 112 -0.98 23.13 -13.62
CA ASP A 112 -1.19 24.52 -14.04
C ASP A 112 -0.94 25.42 -12.82
N ASN A 113 -1.38 26.68 -12.87
CA ASN A 113 -1.12 27.62 -11.76
C ASN A 113 -1.87 27.27 -10.48
N ASP A 114 -2.93 26.47 -10.59
CA ASP A 114 -3.79 26.16 -9.45
C ASP A 114 -3.68 24.74 -8.92
N PHE A 115 -3.28 23.80 -9.77
CA PHE A 115 -3.32 22.37 -9.42
C PHE A 115 -2.12 21.56 -9.89
N VAL A 116 -1.80 20.52 -9.13
CA VAL A 116 -0.97 19.42 -9.62
C VAL A 116 -1.88 18.23 -9.93
N PHE A 117 -1.67 17.62 -11.09
CA PHE A 117 -2.43 16.46 -11.54
C PHE A 117 -1.47 15.27 -11.71
N VAL A 118 -1.79 14.15 -11.07
CA VAL A 118 -1.05 12.90 -11.20
C VAL A 118 -1.95 11.85 -11.87
N VAL A 119 -1.44 11.17 -12.87
CA VAL A 119 -2.21 10.21 -13.66
C VAL A 119 -1.75 8.80 -13.29
N LEU A 120 -2.63 8.06 -12.63
CA LEU A 120 -2.30 6.73 -12.11
C LEU A 120 -3.18 5.65 -12.71
N GLU A 121 -2.68 4.42 -12.65
CA GLU A 121 -3.41 3.24 -13.08
C GLU A 121 -4.72 3.15 -12.28
N LEU A 122 -5.84 3.03 -12.98
CA LEU A 122 -7.13 2.86 -12.34
C LEU A 122 -7.28 1.42 -11.83
N CYS A 123 -7.67 1.27 -10.56
CA CYS A 123 -7.86 -0.06 -9.97
C CYS A 123 -9.31 -0.22 -9.60
N ARG A 124 -10.03 -0.89 -10.50
CA ARG A 124 -11.49 -0.86 -10.51
C ARG A 124 -12.10 -1.56 -9.32
N ARG A 125 -11.33 -2.41 -8.65
CA ARG A 125 -11.80 -3.12 -7.45
C ARG A 125 -11.35 -2.45 -6.15
N ARG A 126 -10.94 -1.20 -6.25
CA ARG A 126 -10.55 -0.39 -5.10
C ARG A 126 -9.37 -0.99 -4.32
N SER A 127 -9.50 -1.28 -3.03
CA SER A 127 -8.36 -1.82 -2.27
C SER A 127 -8.75 -2.97 -1.35
N LEU A 128 -7.75 -3.59 -0.76
CA LEU A 128 -7.94 -4.59 0.28
C LEU A 128 -8.69 -4.07 1.51
N LEU A 129 -8.71 -2.75 1.69
CA LEU A 129 -9.53 -2.15 2.77
C LEU A 129 -10.98 -2.52 2.55
N GLU A 130 -11.47 -2.30 1.33
CA GLU A 130 -12.89 -2.51 1.05
C GLU A 130 -13.23 -4.00 1.11
N LEU A 131 -12.30 -4.83 0.66
CA LEU A 131 -12.42 -6.28 0.80
C LEU A 131 -12.56 -6.71 2.26
N HIS A 132 -11.64 -6.22 3.09
CA HIS A 132 -11.63 -6.57 4.52
C HIS A 132 -12.93 -6.17 5.23
N LYS A 133 -13.41 -4.97 4.95
CA LYS A 133 -14.66 -4.47 5.52
C LYS A 133 -15.80 -5.42 5.20
N ARG A 134 -15.75 -5.98 4.00
CA ARG A 134 -16.81 -6.83 3.53
C ARG A 134 -16.64 -8.31 3.94
N ARG A 135 -15.41 -8.78 4.06
CA ARG A 135 -15.17 -10.21 4.27
C ARG A 135 -14.57 -10.55 5.65
N LYS A 136 -14.04 -9.55 6.35
CA LYS A 136 -13.23 -9.79 7.56
C LYS A 136 -12.14 -10.86 7.32
N ALA A 137 -11.94 -11.80 8.23
CA ALA A 137 -10.89 -12.81 8.03
C ALA A 137 -11.12 -13.49 6.69
N LEU A 138 -10.07 -13.60 5.88
CA LEU A 138 -10.11 -14.37 4.62
C LEU A 138 -9.75 -15.82 4.89
N THR A 139 -9.89 -16.67 3.87
CA THR A 139 -9.43 -18.06 3.96
C THR A 139 -7.90 -18.09 3.77
N GLU A 140 -7.24 -19.14 4.27
CA GLU A 140 -5.76 -19.20 4.19
C GLU A 140 -5.23 -19.05 2.77
N PRO A 141 -5.80 -19.80 1.81
CA PRO A 141 -5.32 -19.68 0.42
C PRO A 141 -5.45 -18.27 -0.15
N GLU A 142 -6.52 -17.56 0.19
CA GLU A 142 -6.68 -16.16 -0.20
C GLU A 142 -5.63 -15.26 0.44
N ALA A 143 -5.35 -15.50 1.71
CA ALA A 143 -4.34 -14.73 2.41
C ALA A 143 -3.01 -14.96 1.69
N ARG A 144 -2.67 -16.23 1.48
CA ARG A 144 -1.48 -16.59 0.71
C ARG A 144 -1.40 -15.88 -0.64
N TYR A 145 -2.50 -15.89 -1.39
CA TYR A 145 -2.55 -15.30 -2.74
C TYR A 145 -2.20 -13.81 -2.73
N TYR A 146 -2.86 -13.06 -1.85
CA TYR A 146 -2.62 -11.62 -1.75
C TYR A 146 -1.26 -11.34 -1.16
N LEU A 147 -0.88 -12.08 -0.11
CA LEU A 147 0.38 -11.85 0.56
C LEU A 147 1.56 -12.07 -0.39
N ARG A 148 1.43 -13.02 -1.30
CA ARG A 148 2.51 -13.29 -2.25
C ARG A 148 2.71 -12.11 -3.18
N GLN A 149 1.63 -11.54 -3.68
CA GLN A 149 1.71 -10.40 -4.57
C GLN A 149 2.20 -9.16 -3.83
N ILE A 150 1.76 -9.00 -2.58
CA ILE A 150 2.24 -7.90 -1.74
C ILE A 150 3.74 -8.03 -1.58
N VAL A 151 4.22 -9.24 -1.26
CA VAL A 151 5.65 -9.48 -1.05
C VAL A 151 6.45 -9.25 -2.34
N LEU A 152 5.92 -9.69 -3.47
CA LEU A 152 6.59 -9.51 -4.74
C LEU A 152 6.72 -8.02 -5.07
N GLY A 153 5.63 -7.28 -4.94
CA GLY A 153 5.69 -5.84 -5.09
C GLY A 153 6.78 -5.25 -4.22
N CYS A 154 6.83 -5.67 -2.96
CA CYS A 154 7.78 -5.09 -2.02
C CYS A 154 9.24 -5.51 -2.28
N GLN A 155 9.43 -6.75 -2.77
CA GLN A 155 10.76 -7.18 -3.21
C GLN A 155 11.31 -6.24 -4.28
N TYR A 156 10.47 -5.94 -5.25
CA TYR A 156 10.81 -4.98 -6.28
C TYR A 156 11.24 -3.63 -5.65
N LEU A 157 10.43 -3.10 -4.74
CA LEU A 157 10.73 -1.82 -4.10
C LEU A 157 12.09 -1.84 -3.43
N HIS A 158 12.26 -2.82 -2.55
CA HIS A 158 13.46 -2.95 -1.74
C HIS A 158 14.73 -3.17 -2.52
N ARG A 159 14.67 -3.90 -3.63
CA ARG A 159 15.87 -4.06 -4.46
C ARG A 159 16.19 -2.78 -5.26
N ASN A 160 15.23 -1.89 -5.41
CA ASN A 160 15.48 -0.54 -5.96
C ASN A 160 15.67 0.49 -4.85
N ARG A 161 15.88 0.01 -3.62
CA ARG A 161 16.25 0.85 -2.45
C ARG A 161 15.15 1.84 -2.03
N VAL A 162 13.90 1.43 -2.25
CA VAL A 162 12.74 2.22 -1.85
C VAL A 162 12.10 1.55 -0.65
N ILE A 163 11.87 2.31 0.41
CA ILE A 163 11.09 1.83 1.56
C ILE A 163 9.74 2.53 1.43
N HIS A 164 8.64 1.77 1.43
CA HIS A 164 7.30 2.33 1.25
C HIS A 164 6.87 3.11 2.49
N ARG A 165 6.99 2.44 3.63
CA ARG A 165 6.80 3.03 4.98
C ARG A 165 5.35 3.28 5.38
N ASP A 166 4.42 2.83 4.55
CA ASP A 166 3.02 2.94 4.88
C ASP A 166 2.19 1.88 4.16
N LEU A 167 2.70 0.67 4.13
CA LEU A 167 1.94 -0.44 3.60
C LEU A 167 0.75 -0.70 4.52
N LYS A 168 -0.45 -0.66 3.94
CA LYS A 168 -1.67 -0.94 4.66
C LYS A 168 -2.76 -1.38 3.68
N LEU A 169 -3.88 -1.84 4.23
CA LEU A 169 -4.96 -2.34 3.39
C LEU A 169 -5.37 -1.30 2.36
N GLY A 170 -5.52 -0.06 2.81
CA GLY A 170 -5.96 1.03 1.94
C GLY A 170 -5.03 1.38 0.81
N ASN A 171 -3.74 1.00 0.91
CA ASN A 171 -2.74 1.29 -0.13
C ASN A 171 -2.47 0.11 -1.07
N LEU A 172 -3.20 -0.99 -0.85
CA LEU A 172 -3.01 -2.19 -1.64
C LEU A 172 -4.23 -2.35 -2.50
N PHE A 173 -4.12 -1.79 -3.70
CA PHE A 173 -5.23 -1.72 -4.65
C PHE A 173 -5.37 -3.01 -5.45
N LEU A 174 -6.58 -3.24 -5.95
CA LEU A 174 -6.92 -4.42 -6.70
C LEU A 174 -7.49 -4.02 -8.03
N ASN A 175 -6.94 -4.59 -9.11
CA ASN A 175 -7.49 -4.37 -10.45
C ASN A 175 -8.65 -5.33 -10.71
N GLU A 176 -9.13 -5.34 -11.96
CA GLU A 176 -10.25 -6.18 -12.36
C GLU A 176 -10.01 -7.67 -12.12
N ASP A 177 -8.77 -8.12 -12.25
CA ASP A 177 -8.42 -9.53 -12.05
C ASP A 177 -7.96 -9.83 -10.62
N LEU A 178 -8.31 -8.98 -9.67
CA LEU A 178 -7.92 -9.15 -8.26
C LEU A 178 -6.39 -9.28 -8.05
N GLU A 179 -5.63 -8.53 -8.83
CA GLU A 179 -4.21 -8.39 -8.64
C GLU A 179 -3.92 -7.16 -7.80
N VAL A 180 -2.99 -7.33 -6.87
CA VAL A 180 -2.57 -6.29 -5.93
C VAL A 180 -1.66 -5.28 -6.62
N LYS A 181 -1.93 -4.00 -6.40
CA LYS A 181 -1.05 -2.94 -6.85
C LYS A 181 -0.76 -2.00 -5.68
N ILE A 182 0.49 -2.01 -5.24
CA ILE A 182 0.97 -1.11 -4.20
C ILE A 182 0.95 0.33 -4.72
N GLY A 183 0.31 1.20 -3.93
CA GLY A 183 0.20 2.61 -4.24
C GLY A 183 0.46 3.46 -3.01
N ASP A 184 0.16 4.76 -3.14
CA ASP A 184 0.50 5.80 -2.18
C ASP A 184 1.96 5.82 -1.66
N PHE A 185 2.81 6.44 -2.45
CA PHE A 185 4.23 6.62 -2.10
C PHE A 185 4.48 7.97 -1.39
N GLY A 186 3.45 8.43 -0.66
CA GLY A 186 3.49 9.70 0.06
C GLY A 186 4.38 9.68 1.27
N LEU A 187 4.68 8.50 1.80
CA LEU A 187 5.65 8.36 2.88
C LEU A 187 6.92 7.60 2.47
N ALA A 188 7.04 7.25 1.20
CA ALA A 188 8.19 6.49 0.73
C ALA A 188 9.47 7.32 0.83
N THR A 189 10.60 6.63 0.95
CA THR A 189 11.91 7.27 0.97
C THR A 189 12.88 6.35 0.22
N LYS A 190 13.88 6.96 -0.43
CA LYS A 190 14.98 6.23 -1.05
C LYS A 190 16.13 6.08 -0.05
N VAL A 191 16.71 4.88 0.00
CA VAL A 191 17.93 4.62 0.75
C VAL A 191 19.13 4.93 -0.16
N GLU A 192 19.92 5.94 0.23
CA GLU A 192 20.95 6.52 -0.63
C GLU A 192 22.33 5.89 -0.45
N TYR A 193 22.52 5.16 0.65
CA TYR A 193 23.79 4.50 0.94
C TYR A 193 23.58 3.30 1.84
N ASP A 194 24.52 2.36 1.78
CA ASP A 194 24.39 1.09 2.45
C ASP A 194 24.48 1.34 3.96
N GLY A 195 23.52 0.77 4.68
CA GLY A 195 23.41 0.96 6.12
C GLY A 195 22.78 2.28 6.56
N GLU A 196 22.26 3.08 5.63
CA GLU A 196 21.61 4.34 6.01
C GLU A 196 20.43 4.01 6.90
N ARG A 197 20.36 4.67 8.06
CA ARG A 197 19.22 4.55 8.98
C ARG A 197 18.44 5.85 8.88
N LYS A 198 17.22 5.78 8.36
CA LYS A 198 16.36 6.97 8.35
C LYS A 198 16.01 7.34 9.79
N LYS A 199 16.13 8.63 10.10
CA LYS A 199 15.91 9.14 11.46
C LYS A 199 14.55 9.80 11.59
N VAL A 200 13.86 10.02 10.47
CA VAL A 200 12.69 10.87 10.46
C VAL A 200 11.64 10.28 9.54
N LEU A 201 10.38 10.39 9.95
CA LEU A 201 9.25 9.95 9.12
C LEU A 201 8.14 10.97 9.28
N CYS A 202 7.92 11.78 8.25
CA CYS A 202 6.91 12.83 8.30
C CYS A 202 5.60 12.27 7.79
N GLY A 203 4.63 12.11 8.68
CA GLY A 203 3.45 11.31 8.42
C GLY A 203 3.23 10.30 9.52
N THR A 204 2.07 9.67 9.50
CA THR A 204 1.61 8.77 10.55
C THR A 204 1.14 7.46 9.92
N PRO A 205 2.04 6.51 9.72
CA PRO A 205 1.54 5.26 9.16
C PRO A 205 0.50 4.55 10.04
N ASN A 206 -0.23 3.63 9.42
CA ASN A 206 -1.22 2.80 10.10
C ASN A 206 -0.53 1.68 10.92
N TYR A 207 0.19 0.82 10.21
CA TYR A 207 0.91 -0.32 10.80
C TYR A 207 2.36 0.07 11.09
N ILE A 208 2.52 0.94 12.08
CA ILE A 208 3.77 1.67 12.34
C ILE A 208 4.74 0.88 13.23
N ALA A 209 5.96 0.68 12.76
CA ALA A 209 6.91 -0.22 13.41
C ALA A 209 7.49 0.41 14.68
N PRO A 210 7.88 -0.42 15.66
CA PRO A 210 8.37 0.08 16.96
C PRO A 210 9.61 0.99 16.89
N GLU A 211 10.54 0.72 15.96
CA GLU A 211 11.74 1.57 15.80
C GLU A 211 11.39 2.99 15.34
N VAL A 212 10.27 3.13 14.64
CA VAL A 212 9.78 4.44 14.26
C VAL A 212 9.24 5.17 15.50
N LEU A 213 8.29 4.54 16.19
CA LEU A 213 7.63 5.09 17.39
C LEU A 213 8.57 5.56 18.48
N SER A 214 9.66 4.83 18.66
CA SER A 214 10.67 5.21 19.66
C SER A 214 11.69 6.21 19.07
N LYS A 215 11.63 6.39 17.75
CA LYS A 215 12.49 7.32 16.98
C LYS A 215 13.98 6.95 17.09
N LYS A 216 14.27 5.65 17.02
CA LYS A 216 15.65 5.19 17.20
C LYS A 216 16.41 4.96 15.89
N GLY A 217 15.74 5.18 14.76
CA GLY A 217 16.33 4.96 13.43
C GLY A 217 15.65 3.77 12.78
N HIS A 218 15.50 3.82 11.46
CA HIS A 218 14.77 2.76 10.76
C HIS A 218 15.12 2.62 9.27
N SER A 219 14.74 1.48 8.69
CA SER A 219 15.04 1.19 7.29
C SER A 219 14.06 0.15 6.69
N PHE A 220 14.56 -0.70 5.80
CA PHE A 220 13.72 -1.68 5.08
C PHE A 220 12.82 -2.52 5.96
N GLU A 221 13.29 -2.85 7.16
CA GLU A 221 12.57 -3.77 8.04
C GLU A 221 11.17 -3.24 8.39
N VAL A 222 11.01 -1.94 8.26
CA VAL A 222 9.74 -1.27 8.56
C VAL A 222 8.61 -1.84 7.71
N ASP A 223 8.90 -2.17 6.46
CA ASP A 223 7.88 -2.69 5.54
C ASP A 223 7.53 -4.15 5.82
N VAL A 224 8.51 -4.93 6.28
CA VAL A 224 8.23 -6.30 6.68
C VAL A 224 7.32 -6.33 7.89
N TRP A 225 7.54 -5.40 8.82
CA TRP A 225 6.66 -5.25 9.98
C TRP A 225 5.21 -5.03 9.53
N SER A 226 5.01 -4.09 8.61
CA SER A 226 3.67 -3.79 8.08
C SER A 226 3.02 -4.98 7.41
N ILE A 227 3.83 -5.79 6.71
CA ILE A 227 3.32 -6.98 6.04
C ILE A 227 2.89 -8.00 7.11
N GLY A 228 3.63 -8.08 8.20
CA GLY A 228 3.24 -8.94 9.30
C GLY A 228 1.88 -8.54 9.85
N CYS A 229 1.68 -7.24 9.99
CA CYS A 229 0.39 -6.68 10.45
C CYS A 229 -0.72 -6.97 9.47
N ILE A 230 -0.42 -6.79 8.19
CA ILE A 230 -1.37 -7.08 7.14
C ILE A 230 -1.78 -8.56 7.11
N MET A 231 -0.83 -9.45 7.32
CA MET A 231 -1.10 -10.88 7.31
C MET A 231 -1.98 -11.23 8.50
N TYR A 232 -1.64 -10.70 9.67
CA TYR A 232 -2.46 -10.86 10.86
C TYR A 232 -3.89 -10.42 10.56
N THR A 233 -4.03 -9.25 9.97
CA THR A 233 -5.34 -8.67 9.71
C THR A 233 -6.13 -9.52 8.73
N LEU A 234 -5.47 -9.97 7.66
CA LEU A 234 -6.13 -10.76 6.65
C LEU A 234 -6.63 -12.11 7.18
N LEU A 235 -5.86 -12.70 8.09
CA LEU A 235 -6.16 -14.03 8.62
C LEU A 235 -7.08 -13.99 9.83
N VAL A 236 -6.89 -12.99 10.69
CA VAL A 236 -7.65 -12.88 11.94
C VAL A 236 -8.91 -12.04 11.75
N GLY A 237 -8.88 -11.06 10.85
CA GLY A 237 -10.01 -10.15 10.65
C GLY A 237 -9.99 -8.89 11.53
N LYS A 238 -8.90 -8.69 12.28
CA LYS A 238 -8.66 -7.42 12.97
C LYS A 238 -7.17 -7.18 13.11
N PRO A 239 -6.75 -5.90 13.18
CA PRO A 239 -5.32 -5.63 13.27
C PRO A 239 -4.78 -5.99 14.64
N PRO A 240 -3.51 -6.41 14.71
CA PRO A 240 -2.95 -6.96 15.95
C PRO A 240 -2.85 -6.04 17.17
N PHE A 241 -2.81 -4.71 17.01
CA PHE A 241 -2.60 -3.83 18.17
C PHE A 241 -3.73 -2.84 18.37
N GLU A 242 -4.93 -3.18 17.92
CA GLU A 242 -6.05 -2.24 17.92
C GLU A 242 -6.54 -1.91 19.33
N THR A 243 -6.74 -0.62 19.57
CA THR A 243 -7.43 -0.13 20.76
C THR A 243 -8.30 1.04 20.31
N SER A 244 -9.02 1.64 21.25
CA SER A 244 -9.84 2.78 20.92
C SER A 244 -9.04 4.09 20.96
N CYS A 245 -7.73 3.99 21.19
CA CYS A 245 -6.85 5.16 21.25
C CYS A 245 -5.52 4.89 20.55
N LEU A 246 -5.13 5.82 19.69
CA LEU A 246 -3.96 5.66 18.85
C LEU A 246 -2.66 5.56 19.67
N LYS A 247 -2.49 6.44 20.64
CA LYS A 247 -1.31 6.43 21.51
C LYS A 247 -1.26 5.19 22.39
N GLU A 248 -2.43 4.65 22.73
CA GLU A 248 -2.54 3.40 23.50
C GLU A 248 -2.04 2.26 22.64
N THR A 249 -2.38 2.31 21.35
CA THR A 249 -1.93 1.33 20.37
C THR A 249 -0.41 1.40 20.24
N TYR A 250 0.13 2.60 20.01
CA TYR A 250 1.60 2.75 19.95
C TYR A 250 2.29 2.18 21.19
N LEU A 251 1.62 2.26 22.34
CA LEU A 251 2.15 1.68 23.58
C LEU A 251 2.15 0.16 23.49
N ARG A 252 1.07 -0.41 22.99
CA ARG A 252 1.03 -1.87 22.78
C ARG A 252 2.18 -2.31 21.89
N ILE A 253 2.39 -1.58 20.79
CA ILE A 253 3.42 -1.93 19.82
C ILE A 253 4.81 -1.83 20.44
N LYS A 254 5.02 -0.78 21.24
CA LYS A 254 6.23 -0.66 22.05
C LYS A 254 6.45 -1.92 22.93
N LYS A 255 5.37 -2.39 23.56
CA LYS A 255 5.43 -3.53 24.49
C LYS A 255 5.29 -4.89 23.80
N ASN A 256 5.15 -4.89 22.48
CA ASN A 256 4.86 -6.09 21.70
C ASN A 256 3.66 -6.85 22.27
N GLU A 257 2.58 -6.12 22.52
CA GLU A 257 1.43 -6.66 23.21
C GLU A 257 0.32 -6.99 22.21
N TYR A 258 0.49 -8.14 21.56
CA TYR A 258 -0.56 -8.74 20.73
C TYR A 258 -0.64 -10.21 21.07
N SER A 259 -1.70 -10.85 20.59
CA SER A 259 -1.81 -12.28 20.70
C SER A 259 -2.41 -12.83 19.41
N ILE A 260 -2.05 -14.07 19.09
CA ILE A 260 -2.57 -14.77 17.93
C ILE A 260 -3.58 -15.82 18.39
N PRO A 261 -4.84 -15.71 17.94
CA PRO A 261 -5.86 -16.67 18.37
C PRO A 261 -5.48 -18.12 18.03
N LYS A 262 -5.91 -19.06 18.86
CA LYS A 262 -5.53 -20.47 18.73
C LYS A 262 -5.97 -21.11 17.41
N HIS A 263 -7.07 -20.62 16.82
CA HIS A 263 -7.57 -21.20 15.57
C HIS A 263 -6.69 -20.91 14.36
N ILE A 264 -5.78 -19.93 14.48
CA ILE A 264 -4.79 -19.68 13.43
C ILE A 264 -3.80 -20.84 13.38
N ASN A 265 -3.52 -21.33 12.18
CA ASN A 265 -2.62 -22.46 11.99
C ASN A 265 -1.19 -22.12 12.38
N PRO A 266 -0.48 -23.08 13.02
CA PRO A 266 0.85 -22.80 13.56
C PRO A 266 1.86 -22.26 12.56
N VAL A 267 1.81 -22.71 11.30
CA VAL A 267 2.76 -22.25 10.28
C VAL A 267 2.55 -20.77 9.96
N ALA A 268 1.29 -20.36 9.85
CA ALA A 268 0.94 -18.94 9.69
C ALA A 268 1.31 -18.11 10.92
N ALA A 269 0.96 -18.63 12.09
CA ALA A 269 1.23 -17.98 13.36
C ALA A 269 2.72 -17.75 13.56
N SER A 270 3.51 -18.75 13.20
CA SER A 270 4.95 -18.65 13.32
C SER A 270 5.48 -17.52 12.43
N LEU A 271 4.98 -17.43 11.18
CA LEU A 271 5.52 -16.44 10.25
C LEU A 271 5.14 -15.01 10.70
N ILE A 272 3.89 -14.84 11.12
CA ILE A 272 3.47 -13.58 11.75
C ILE A 272 4.42 -13.19 12.88
N GLN A 273 4.74 -14.14 13.78
CA GLN A 273 5.58 -13.82 14.94
C GLN A 273 6.99 -13.40 14.54
N LYS A 274 7.54 -14.02 13.50
CA LYS A 274 8.87 -13.64 13.00
C LYS A 274 8.88 -12.21 12.47
N MET A 275 7.78 -11.82 11.81
CA MET A 275 7.68 -10.49 11.21
C MET A 275 7.33 -9.40 12.24
N LEU A 276 6.53 -9.75 13.23
CA LEU A 276 6.04 -8.80 14.23
C LEU A 276 6.90 -8.87 15.47
N GLN A 277 8.18 -8.52 15.32
CA GLN A 277 9.15 -8.57 16.40
C GLN A 277 9.74 -7.20 16.65
N THR A 278 9.97 -6.90 17.91
CA THR A 278 10.42 -5.57 18.32
C THR A 278 11.77 -5.24 17.69
N ASP A 279 12.71 -6.17 17.81
CA ASP A 279 14.03 -6.00 17.20
C ASP A 279 13.93 -6.10 15.66
N PRO A 280 14.22 -5.00 14.94
CA PRO A 280 14.14 -4.99 13.47
C PRO A 280 15.05 -6.01 12.83
N THR A 281 16.24 -6.17 13.38
CA THR A 281 17.24 -7.10 12.83
C THR A 281 16.86 -8.57 13.04
N ALA A 282 15.86 -8.84 13.88
CA ALA A 282 15.38 -10.21 14.12
C ALA A 282 14.30 -10.65 13.13
N ARG A 283 13.70 -9.72 12.42
CA ARG A 283 12.69 -10.05 11.42
C ARG A 283 13.35 -10.67 10.18
N PRO A 284 12.60 -11.46 9.41
CA PRO A 284 13.05 -11.83 8.06
C PRO A 284 13.18 -10.63 7.14
N THR A 285 13.98 -10.77 6.08
CA THR A 285 14.07 -9.76 5.04
C THR A 285 13.01 -10.08 4.01
N ILE A 286 12.71 -9.12 3.16
CA ILE A 286 11.62 -9.30 2.22
C ILE A 286 11.89 -10.48 1.25
N ASN A 287 13.17 -10.74 0.98
CA ASN A 287 13.56 -11.80 0.04
C ASN A 287 13.40 -13.22 0.56
N GLU A 288 13.47 -13.39 1.88
CA GLU A 288 13.25 -14.68 2.52
C GLU A 288 11.79 -15.17 2.49
N LEU A 289 10.85 -14.23 2.51
CA LEU A 289 9.44 -14.52 2.87
C LEU A 289 8.74 -15.60 2.06
N LEU A 290 8.83 -15.52 0.73
CA LEU A 290 8.15 -16.49 -0.13
C LEU A 290 8.71 -17.90 -0.03
N ASN A 291 9.88 -18.03 0.63
CA ASN A 291 10.46 -19.35 0.93
C ASN A 291 10.01 -19.90 2.27
N ASP A 292 9.17 -19.15 2.99
CA ASP A 292 8.62 -19.63 4.24
C ASP A 292 7.63 -20.74 3.98
N GLU A 293 7.60 -21.69 4.90
CA GLU A 293 6.71 -22.84 4.82
C GLU A 293 5.23 -22.41 4.61
N PHE A 294 4.84 -21.28 5.19
CA PHE A 294 3.49 -20.76 4.99
C PHE A 294 3.12 -20.73 3.50
N PHE A 295 4.09 -20.36 2.66
CA PHE A 295 3.88 -20.33 1.22
C PHE A 295 4.17 -21.67 0.53
N THR A 296 5.33 -22.26 0.81
CA THR A 296 5.81 -23.43 0.07
C THR A 296 5.04 -24.72 0.36
N SER A 297 4.34 -24.80 1.48
CA SER A 297 3.60 -26.01 1.80
C SER A 297 2.09 -25.74 1.91
N GLY A 298 1.62 -24.63 1.38
CA GLY A 298 0.17 -24.39 1.31
C GLY A 298 -0.30 -24.13 -0.10
N TYR A 299 -1.60 -24.28 -0.33
CA TYR A 299 -2.19 -24.05 -1.65
C TYR A 299 -2.23 -22.54 -1.95
N ILE A 300 -1.67 -22.16 -3.10
CA ILE A 300 -1.69 -20.79 -3.56
C ILE A 300 -2.51 -20.77 -4.85
N PRO A 301 -3.76 -20.33 -4.77
CA PRO A 301 -4.51 -20.27 -6.03
C PRO A 301 -3.78 -19.43 -7.07
N ALA A 302 -4.00 -19.76 -8.35
CA ALA A 302 -3.39 -19.05 -9.46
C ALA A 302 -4.15 -17.75 -9.76
N ARG A 303 -5.40 -17.72 -9.32
CA ARG A 303 -6.23 -16.54 -9.43
C ARG A 303 -7.46 -16.72 -8.54
N LEU A 304 -8.19 -15.63 -8.32
CA LEU A 304 -9.40 -15.69 -7.52
C LEU A 304 -10.56 -15.24 -8.39
N PRO A 305 -11.71 -15.93 -8.30
CA PRO A 305 -12.91 -15.47 -9.01
C PRO A 305 -13.48 -14.20 -8.38
N ILE A 306 -14.17 -13.40 -9.18
CA ILE A 306 -14.75 -12.13 -8.72
C ILE A 306 -15.65 -12.26 -7.49
N THR A 307 -16.29 -13.42 -7.35
CA THR A 307 -17.13 -13.71 -6.19
C THR A 307 -16.37 -13.63 -4.86
N CYS A 308 -15.04 -13.71 -4.91
CA CYS A 308 -14.21 -13.63 -3.69
C CYS A 308 -14.24 -12.27 -3.03
N LEU A 309 -14.79 -11.28 -3.73
CA LEU A 309 -15.07 -9.98 -3.13
C LEU A 309 -16.15 -10.07 -2.06
N THR A 310 -17.00 -11.08 -2.18
CA THR A 310 -18.28 -11.17 -1.46
C THR A 310 -18.48 -12.48 -0.68
N ILE A 311 -18.29 -13.61 -1.35
CA ILE A 311 -18.46 -14.93 -0.72
C ILE A 311 -17.10 -15.59 -0.48
N PRO A 312 -16.94 -16.28 0.67
CA PRO A 312 -15.72 -17.06 0.83
C PRO A 312 -15.66 -18.19 -0.20
N PRO A 313 -14.49 -18.38 -0.84
CA PRO A 313 -14.32 -19.47 -1.81
C PRO A 313 -13.97 -20.75 -1.08
N ARG A 314 -14.45 -21.88 -1.56
CA ARG A 314 -14.07 -23.14 -0.95
C ARG A 314 -13.07 -23.94 -1.79
N PHE A 315 -12.69 -23.43 -2.95
CA PHE A 315 -11.65 -24.05 -3.78
C PHE A 315 -11.94 -25.51 -4.12
N SER A 316 -13.13 -25.77 -4.59
CA SER A 316 -13.50 -27.13 -4.93
C SER A 316 -12.67 -27.63 -6.09
N ILE A 317 -12.43 -28.93 -6.08
CA ILE A 317 -11.82 -29.62 -7.20
C ILE A 317 -12.90 -29.95 -8.26
N ALA A 318 -14.18 -29.84 -7.90
CA ALA A 318 -15.28 -30.10 -8.81
C ALA A 318 -15.21 -29.21 -10.04
N PRO A 319 -15.55 -29.77 -11.21
CA PRO A 319 -15.69 -28.98 -12.45
C PRO A 319 -16.60 -27.76 -12.27
C1 IBI B . -19.87 7.51 -0.09
C2 IBI B . -21.34 7.59 0.38
C5 IBI B . -20.26 9.30 -1.65
C6 IBI B . -21.74 9.40 -1.19
C7 IBI B . -16.50 5.90 -2.56
C8 IBI B . -17.74 6.35 -1.74
C11 IBI B . -17.13 7.34 -4.41
C12 IBI B . -18.41 7.82 -3.68
C15 IBI B . -12.66 4.46 -5.52
C16 IBI B . -12.47 3.13 -7.93
C17 IBI B . -13.84 4.07 -6.17
C18 IBI B . -13.72 3.40 -7.38
C21 IBI B . -5.54 6.29 -5.03
N22 IBI B . -4.78 4.77 -6.90
C24 IBI B . -6.15 4.41 -7.16
C31 IBI B . -5.49 7.75 -5.58
C32 IBI B . -6.16 7.95 -6.96
C33 IBI B . -7.85 6.55 -4.36
C34 IBI B . -9.26 6.72 -4.92
C35 IBI B . -7.89 6.01 -2.91
C36 IBI B . -3.67 4.23 -7.71
C38 IBI B . -13.27 2.47 -10.17
C39 IBI B . -15.22 4.38 -5.59
O40 IBI B . -16.12 3.66 -5.87
O37 IBI B . -12.30 2.47 -9.13
C14 IBI B . -11.30 3.51 -7.27
N19 IBI B . -10.10 3.21 -7.97
C26 IBI B . -8.76 3.64 -7.72
N27 IBI B . -8.49 4.52 -6.68
C25 IBI B . -7.19 4.91 -6.38
N23 IBI B . -6.92 5.81 -5.29
N28 IBI B . -7.73 3.15 -8.49
C29 IBI B . -6.45 3.54 -8.20
C20 IBI B . -4.47 5.64 -5.86
O30 IBI B . -3.32 5.98 -5.63
C13 IBI B . -11.40 4.18 -6.06
N41 IBI B . -15.46 5.49 -4.75
C9 IBI B . -16.73 5.92 -4.07
C10 IBI B . -18.35 7.72 -2.12
N3 IBI B . -19.73 7.91 -1.52
N4 IBI B . -21.93 8.93 0.20
C42 IBI B . -23.34 9.01 0.62
C43 IBI B . -23.53 9.33 2.12
C45 IBI B . -24.72 8.93 2.98
C44 IBI B . -23.45 8.13 3.10
C1 EDO C . -15.37 -3.61 -3.06
O1 EDO C . -14.34 -4.60 -2.84
C2 EDO C . -15.04 -2.74 -4.27
O2 EDO C . -15.40 -3.37 -5.52
C1 EDO D . -4.94 5.68 1.96
O1 EDO D . -4.92 7.06 2.35
C2 EDO D . -5.23 5.56 0.46
O2 EDO D . -6.64 5.70 0.21
C ACT E . -0.48 14.59 -1.50
O ACT E . -1.69 14.76 -1.20
OXT ACT E . -0.22 13.51 -2.07
CH3 ACT E . 0.56 15.61 -1.19
C1 EDO F . 9.14 -10.08 -9.13
O1 EDO F . 7.98 -9.85 -9.94
C2 EDO F . 9.15 -9.06 -7.99
O2 EDO F . 9.93 -9.46 -6.86
C1 PEG G . 16.32 -1.51 -11.76
O1 PEG G . 16.89 -1.26 -13.06
C2 PEG G . 16.23 -3.00 -11.49
O2 PEG G . 14.86 -3.40 -11.42
C3 PEG G . 14.59 -4.57 -10.62
C4 PEG G . 13.50 -5.39 -11.29
O4 PEG G . 12.99 -6.43 -10.44
C1 EDO H . -3.67 -0.91 13.44
O1 EDO H . -4.69 -0.55 14.38
C2 EDO H . -2.51 -1.62 14.17
O2 EDO H . -1.25 -0.94 13.98
C ACT I . 4.93 18.68 8.83
O ACT I . 6.10 18.31 9.12
OXT ACT I . 4.50 18.26 7.74
CH3 ACT I . 4.10 19.54 9.74
ZN ZN J . 7.54 17.21 8.01
C1 GOL K . -10.32 2.95 -1.93
O1 GOL K . -11.24 3.69 -2.69
C2 GOL K . -9.98 3.68 -0.63
O2 GOL K . -10.95 3.40 0.35
C3 GOL K . -8.65 3.22 -0.02
O3 GOL K . -7.54 3.57 -0.79
#